data_4Y1N
#
_entry.id   4Y1N
#
_cell.length_a   83.738
_cell.length_b   131.200
_cell.length_c   84.640
_cell.angle_alpha   90.00
_cell.angle_beta   91.71
_cell.angle_gamma   90.00
#
_symmetry.space_group_name_H-M   'P 1 21 1'
#
loop_
_entity.id
_entity.type
_entity.pdbx_description
1 polymer 'group II intron, domain 1'
2 non-polymer 'IRIDIUM HEXAMMINE ION'
3 non-polymer 'MAGNESIUM ION'
4 non-polymer 'POTASSIUM ION'
5 water water
#
_entity_poly.entity_id   1
_entity_poly.type   'polyribonucleotide'
_entity_poly.pdbx_seq_one_letter_code
;GUUAUGUGUGCCCGGCAUGGGUGCAGUCUAUAGGGUGAGAGUCCCGAACUGUGAAGGCAGAAGUAACAGUUAGCCUAACG
CAAGGGUGUCCGUGGAAACAUGGAAUCUGAAGGAAGCGGACGGCAAACCUUCGGUCUGAGGAACACGAACUUCAUAUGAG
GCUAGGUAUCAAUGGAUGAGUUUGCAUAACAAAACAAAGUCCUUUCUGCCAAAGUUGGUACAGAGUAAAUGAAGCAGAUU
GAUGAAGGGAAAGACUGCAUUCUUACCCGGGGAUC
;
_entity_poly.pdbx_strand_id   A,B
#
loop_
_chem_comp.id
_chem_comp.type
_chem_comp.name
_chem_comp.formula
A RNA linking ADENOSINE-5'-MONOPHOSPHATE 'C10 H14 N5 O7 P'
C RNA linking CYTIDINE-5'-MONOPHOSPHATE 'C9 H14 N3 O8 P'
G RNA linking GUANOSINE-5'-MONOPHOSPHATE 'C10 H14 N5 O8 P'
IRI non-polymer 'IRIDIUM HEXAMMINE ION' 'H18 Ir N6 3'
K non-polymer 'POTASSIUM ION' 'K 1'
MG non-polymer 'MAGNESIUM ION' 'Mg 2'
U RNA linking URIDINE-5'-MONOPHOSPHATE 'C9 H13 N2 O9 P'
#
# COMPACT_ATOMS: atom_id res chain seq x y z
IR IRI C . 32.28 26.16 -3.70
N1 IRI C . 32.34 28.16 -4.73
N2 IRI C . 34.33 26.54 -2.82
N3 IRI C . 32.27 24.12 -2.74
N4 IRI C . 30.26 25.83 -4.59
N5 IRI C . 31.31 27.05 -1.87
N6 IRI C . 33.23 25.27 -5.55
IR IRI D . 11.55 9.03 -0.97
N1 IRI D . 10.79 11.10 -1.41
N2 IRI D . 13.24 9.92 0.22
N3 IRI D . 12.28 6.94 -0.50
N4 IRI D . 9.84 8.16 -2.15
N5 IRI D . 10.30 8.95 0.92
N6 IRI D . 12.84 9.04 -2.82
IR IRI E . 4.99 -5.40 21.64
N1 IRI E . 3.94 -3.47 22.14
N2 IRI E . 4.68 -6.17 23.73
N3 IRI E . 6.03 -7.34 21.13
N4 IRI E . 5.29 -4.65 19.54
N5 IRI E . 3.05 -6.28 20.93
N6 IRI E . 6.94 -4.50 22.29
IR IRI F . 18.85 21.29 7.63
N1 IRI F . 16.78 21.46 6.84
N2 IRI F . 19.50 22.41 5.78
N3 IRI F . 20.98 21.20 8.32
N4 IRI F . 18.19 20.19 9.48
N5 IRI F . 18.56 23.28 8.63
N6 IRI F . 19.13 19.32 6.56
IR IRI G . 4.18 -3.08 27.71
N1 IRI G . 4.33 -3.34 25.48
N2 IRI G . 5.20 -1.09 27.50
N3 IRI G . 4.00 -2.76 29.94
N4 IRI G . 3.18 -5.08 27.89
N5 IRI G . 2.15 -2.11 27.46
N6 IRI G . 6.16 -4.12 27.90
IR IRI H . 13.32 7.63 28.72
N1 IRI H . 11.14 7.19 28.40
N2 IRI H . 12.78 9.59 29.69
N3 IRI H . 15.46 7.95 29.36
N4 IRI H . 13.80 5.65 27.80
N5 IRI H . 12.97 6.46 30.57
N6 IRI H . 13.68 8.68 26.75
IR IRI I . 20.99 -9.80 25.50
N1 IRI I . 18.88 -9.54 24.72
N2 IRI I . 21.84 -9.02 23.56
N3 IRI I . 23.06 -10.21 26.28
N4 IRI I . 20.15 -10.57 27.45
N5 IRI I . 20.94 -7.68 26.29
N6 IRI I . 21.02 -11.89 24.69
IR IRI J . 24.85 -7.40 21.17
N1 IRI J . 23.35 -5.86 21.80
N2 IRI J . 26.59 -6.04 21.41
N3 IRI J . 26.33 -8.99 20.56
N4 IRI J . 23.14 -8.84 20.84
N5 IRI J . 25.03 -8.06 23.31
N6 IRI J . 24.59 -6.68 19.06
IR IRI K . 12.26 -14.95 21.18
N1 IRI K . 11.03 -13.08 21.10
N2 IRI K . 13.76 -13.86 19.90
N3 IRI K . 13.53 -16.80 21.22
N4 IRI K . 10.75 -16.02 22.47
N5 IRI K . 13.30 -14.18 23.01
N6 IRI K . 11.15 -15.74 19.37
IR IRI L . 21.60 -8.10 9.29
N1 IRI L . 20.53 -6.63 10.60
N2 IRI L . 23.57 -7.03 9.64
N3 IRI L . 22.65 -9.58 7.97
N4 IRI L . 19.65 -9.12 8.88
N5 IRI L . 21.98 -9.45 11.05
N6 IRI L . 21.18 -6.82 7.49
IR IRI M . 32.13 31.72 -14.19
N1 IRI M . 32.95 31.87 -16.28
N2 IRI M . 33.63 33.31 -13.67
N3 IRI M . 31.34 31.55 -12.09
N4 IRI M . 30.71 30.12 -14.75
N5 IRI M . 30.56 33.27 -14.63
N6 IRI M . 33.54 30.02 -13.76
IR IRI N . 2.42 -4.40 37.07
N1 IRI N . 3.92 -5.28 38.54
N2 IRI N . 2.86 -2.31 37.80
N3 IRI N . 0.90 -3.57 35.64
N4 IRI N . 1.97 -6.45 36.27
N5 IRI N . 4.03 -4.18 35.51
N6 IRI N . 0.82 -4.63 38.62
IR IRI O . 42.76 -31.88 -2.48
N1 IRI O . 44.04 -31.28 -0.73
N2 IRI O . 40.91 -31.18 -1.39
N3 IRI O . 41.51 -32.53 -4.23
N4 IRI O . 44.58 -32.58 -3.59
N5 IRI O . 42.97 -29.82 -3.37
N6 IRI O . 42.51 -33.89 -1.50
MG MG P . 3.85 -1.08 10.39
MG MG Q . 8.89 -1.03 8.13
MG MG R . 53.90 -18.52 -12.43
IR IRI S . 1.15 7.78 -45.36
N1 IRI S . -1.01 8.39 -45.19
N2 IRI S . 1.76 9.94 -45.21
N3 IRI S . 3.30 7.16 -45.51
N4 IRI S . 0.57 5.62 -45.53
N5 IRI S . 1.31 7.63 -43.12
N6 IRI S . 1.01 7.93 -47.60
IR IRI T . -16.67 24.61 -11.66
N1 IRI T . -17.48 26.54 -12.45
N2 IRI T . -14.74 25.63 -11.09
N3 IRI T . -15.82 22.68 -10.88
N4 IRI T . -18.51 23.48 -12.26
N5 IRI T . -17.46 25.04 -9.62
N6 IRI T . -15.94 24.24 -13.76
IR IRI U . -30.40 23.75 1.01
N1 IRI U . -32.38 24.24 0.06
N2 IRI U . -30.98 24.95 2.81
N3 IRI U . -28.46 23.21 2.02
N4 IRI U . -29.78 22.51 -0.76
N5 IRI U . -31.35 21.93 1.95
N6 IRI U . -29.46 25.56 0.08
IR IRI V . -14.17 -4.08 -32.94
N1 IRI V . -15.97 -3.38 -34.12
N2 IRI V . -13.80 -1.89 -32.50
N3 IRI V . -12.39 -4.75 -31.77
N4 IRI V . -14.60 -6.23 -33.39
N5 IRI V . -15.43 -4.17 -31.08
N6 IRI V . -12.93 -3.99 -34.82
IR IRI W . -17.49 -3.02 -27.43
N1 IRI W . -19.32 -1.86 -26.89
N2 IRI W . -16.42 -1.07 -27.78
N3 IRI W . -15.60 -4.14 -27.95
N4 IRI W . -18.51 -5.01 -27.18
N5 IRI W . -16.86 -2.95 -25.28
N6 IRI W . -18.18 -3.02 -29.58
IR IRI X . -3.21 9.81 15.50
N1 IRI X . -5.08 10.98 15.04
N2 IRI X . -2.06 11.72 15.84
N3 IRI X . -1.32 8.67 15.97
N4 IRI X . -4.35 7.91 15.11
N5 IRI X . -3.79 9.68 17.67
N6 IRI X . -2.59 9.88 13.33
IR IRI Y . -8.23 14.82 21.09
N1 IRI Y . -7.51 16.02 19.33
N2 IRI Y . -9.43 16.55 21.90
N3 IRI Y . -8.95 13.53 22.79
N4 IRI Y . -7.11 13.09 20.22
N5 IRI Y . -10.12 14.29 20.02
N6 IRI Y . -6.37 15.39 22.24
IR IRI Z . -23.09 -36.93 -6.74
N1 IRI Z . -24.63 -38.55 -6.81
N2 IRI Z . -22.91 -36.99 -8.98
N3 IRI Z . -21.57 -35.27 -6.72
N4 IRI Z . -23.23 -36.84 -4.50
N5 IRI Z . -24.72 -35.39 -6.85
N6 IRI Z . -21.42 -38.42 -6.62
IR IRI AA . -20.26 -32.50 -0.52
N1 IRI AA . -21.84 -31.23 -1.50
N2 IRI AA . -18.68 -31.51 -1.79
N3 IRI AA . -18.70 -33.81 0.42
N4 IRI AA . -21.87 -33.39 0.78
N5 IRI AA . -19.97 -30.91 1.05
N6 IRI AA . -20.53 -34.09 -2.07
IR IRI BA . -30.38 25.66 12.74
N1 IRI BA . -32.13 25.10 11.46
N2 IRI BA . -29.43 26.71 11.00
N3 IRI BA . -28.63 26.18 14.05
N4 IRI BA . -31.37 24.61 14.47
N5 IRI BA . -31.35 27.58 13.38
N6 IRI BA . -29.41 23.74 12.11
IR IRI CA . 0.29 7.72 -37.45
N1 IRI CA . -0.36 9.16 -39.06
N2 IRI CA . -0.01 9.38 -35.95
N3 IRI CA . 0.88 6.23 -35.84
N4 IRI CA . 0.63 6.12 -38.99
N5 IRI CA . -1.83 7.04 -37.18
N6 IRI CA . 2.40 8.45 -37.75
IR IRI DA . -4.35 -29.31 -13.35
N1 IRI DA . -4.01 -29.99 -11.24
N2 IRI DA . -6.52 -28.99 -12.85
N3 IRI DA . -4.63 -28.67 -15.49
N4 IRI DA . -2.18 -29.63 -13.86
N5 IRI DA . -3.96 -27.17 -12.76
N6 IRI DA . -4.80 -31.43 -13.96
IR IRI EA . -9.23 -1.40 -19.40
N1 IRI EA . -9.00 -1.48 -17.14
N2 IRI EA . -8.88 0.83 -19.44
N3 IRI EA . -9.43 -1.39 -21.64
N4 IRI EA . -9.56 -3.63 -19.38
N5 IRI EA . -7.04 -1.73 -19.67
N6 IRI EA . -11.46 -1.06 -19.19
IR IRI FA . -12.40 -4.73 -16.53
N1 IRI FA . -11.77 -5.30 -14.45
N2 IRI FA . -14.40 -3.98 -15.85
N3 IRI FA . -13.04 -4.17 -18.63
N4 IRI FA . -10.40 -5.47 -17.28
N5 IRI FA . -11.52 -2.68 -16.23
N6 IRI FA . -13.26 -6.80 -16.82
IR IRI GA . -54.18 -6.66 -6.42
N1 IRI GA . -53.70 -8.70 -7.25
N2 IRI GA . -52.63 -6.93 -4.83
N3 IRI GA . -54.69 -4.62 -5.64
N4 IRI GA . -55.74 -6.42 -8.04
N5 IRI GA . -52.61 -5.74 -7.77
N6 IRI GA . -55.74 -7.54 -5.05
MG MG HA . -1.92 3.52 -18.23
MG MG IA . -2.13 6.17 -16.25
MG MG JA . 0.23 4.69 -30.39
MG MG KA . -6.98 13.06 -3.74
MG MG LA . -33.63 -29.86 5.47
K K MA . -18.74 -20.77 -19.97
#